data_2Y6Z
#
_entry.id   2Y6Z
#
_cell.length_a   126.300
_cell.length_b   126.300
_cell.length_c   107.290
_cell.angle_alpha   90.00
_cell.angle_beta   90.00
_cell.angle_gamma   120.00
#
_symmetry.space_group_name_H-M   'P 65 2 2'
#
loop_
_entity.id
_entity.type
_entity.pdbx_description
1 polymer 'TRIOSE-PHOSPHATE ISOMERASE'
2 non-polymer 'THIAMIN PHOSPHATE'
3 non-polymer 'PYROPHOSPHATE 2-'
4 water water
#
_entity_poly.entity_id   1
_entity_poly.type   'polypeptide(L)'
_entity_poly.pdbx_seq_one_letter_code
;SSSGLVPRGSAMGKPQPIAAANWKCNGGGQSLSELIDLFNSTSINHDVQCVVAPSWYMGAQAMTKERLSHPKFVIAAQNA
GNADALASLKDFGISWIVLGHSERRAYYGETNEIVADKVAAAVASGFMVIACIGETLQERSSGRTAVVVLTQITAIAKKL
KKADWAKVVIAYEPVWAIGTGKVATPQQAQEAHALIRSWVSSKVGADVAGELRILYGGSVNGKNARTLYQQRDVNGFLVG
GASLKPEFVDIIKATQ
;
_entity_poly.pdbx_strand_id   A
#
# COMPACT_ATOMS: atom_id res chain seq x y z
N SER A 1 -21.90 -23.41 -2.37
CA SER A 1 -23.29 -23.53 -2.83
C SER A 1 -23.65 -22.39 -3.76
N SER A 2 -22.65 -21.82 -4.41
CA SER A 2 -22.88 -20.67 -5.32
C SER A 2 -21.94 -20.63 -6.54
N SER A 3 -21.55 -21.81 -7.03
CA SER A 3 -20.75 -21.90 -8.25
C SER A 3 -21.66 -22.16 -9.45
N GLY A 4 -21.03 -22.33 -10.62
CA GLY A 4 -21.73 -22.62 -11.87
C GLY A 4 -21.84 -24.10 -12.03
N LEU A 5 -21.98 -24.55 -13.29
CA LEU A 5 -22.30 -25.95 -13.56
C LEU A 5 -21.04 -26.79 -13.62
N VAL A 6 -19.91 -26.13 -13.43
CA VAL A 6 -18.64 -26.64 -13.89
C VAL A 6 -17.56 -26.04 -12.99
N PRO A 7 -16.50 -26.81 -12.72
CA PRO A 7 -15.44 -26.47 -11.76
C PRO A 7 -14.77 -25.14 -12.02
N ARG A 8 -14.08 -24.60 -11.01
CA ARG A 8 -13.17 -23.47 -11.20
C ARG A 8 -13.91 -22.13 -11.43
N GLY A 9 -13.37 -21.20 -12.23
CA GLY A 9 -12.11 -21.29 -12.94
C GLY A 9 -10.94 -20.59 -12.28
N SER A 10 -10.60 -21.03 -11.06
CA SER A 10 -9.52 -20.46 -10.27
C SER A 10 -9.67 -20.89 -8.80
N ALA A 11 -8.59 -20.81 -8.04
CA ALA A 11 -8.63 -21.16 -6.62
C ALA A 11 -8.85 -19.91 -5.77
N MET A 12 -8.77 -18.74 -6.42
CA MET A 12 -9.03 -17.47 -5.77
C MET A 12 -10.28 -16.83 -6.38
N GLY A 13 -11.01 -16.04 -5.58
CA GLY A 13 -10.56 -15.61 -4.28
C GLY A 13 -10.08 -14.18 -4.42
N LYS A 14 -9.34 -13.69 -3.44
CA LYS A 14 -8.66 -12.40 -3.55
C LYS A 14 -9.52 -11.24 -3.07
N PRO A 15 -9.08 -10.54 -2.00
CA PRO A 15 -9.83 -9.42 -1.44
C PRO A 15 -9.83 -8.32 -2.47
N GLN A 16 -10.44 -7.18 -2.17
CA GLN A 16 -10.47 -6.13 -3.18
C GLN A 16 -9.13 -5.45 -3.28
N PRO A 17 -8.63 -5.28 -4.51
CA PRO A 17 -7.33 -4.68 -4.80
C PRO A 17 -7.28 -3.21 -4.40
N ILE A 18 -6.08 -2.74 -4.04
CA ILE A 18 -5.82 -1.31 -3.86
C ILE A 18 -4.78 -0.89 -4.87
N ALA A 19 -4.87 0.35 -5.33
CA ALA A 19 -3.86 0.93 -6.21
C ALA A 19 -3.53 2.33 -5.70
N ALA A 20 -2.42 2.42 -4.98
CA ALA A 20 -2.04 3.59 -4.21
C ALA A 20 -0.93 4.36 -4.92
N ALA A 21 -1.09 5.68 -4.93
CA ALA A 21 -0.13 6.60 -5.53
C ALA A 21 0.47 7.43 -4.42
N ASN A 22 1.79 7.41 -4.31
CA ASN A 22 2.48 8.25 -3.34
C ASN A 22 3.19 9.39 -4.03
N TRP A 23 2.66 10.60 -3.90
CA TRP A 23 3.24 11.76 -4.56
C TRP A 23 4.22 12.57 -3.69
N LYS A 24 4.99 11.88 -2.86
CA LYS A 24 5.95 12.49 -1.94
C LYS A 24 6.92 13.44 -2.66
N CYS A 25 7.28 13.10 -3.90
CA CYS A 25 8.29 13.89 -4.60
C CYS A 25 7.84 14.42 -5.96
N ASN A 26 7.21 15.58 -5.96
CA ASN A 26 6.83 16.24 -7.21
C ASN A 26 6.56 17.73 -6.99
N GLY A 27 7.23 18.55 -7.78
CA GLY A 27 7.04 19.99 -7.72
C GLY A 27 6.42 20.55 -8.99
N GLY A 28 5.23 20.07 -9.34
CA GLY A 28 4.53 20.54 -10.52
C GLY A 28 3.05 20.70 -10.27
N GLY A 29 2.68 21.65 -9.41
CA GLY A 29 1.28 21.89 -9.07
C GLY A 29 0.35 21.88 -10.27
N GLN A 30 0.87 22.23 -11.44
CA GLN A 30 0.10 22.25 -12.68
C GLN A 30 -0.17 20.86 -13.27
N SER A 31 0.90 20.08 -13.47
CA SER A 31 0.79 18.77 -14.08
C SER A 31 0.02 17.81 -13.17
N LEU A 32 0.17 18.00 -11.86
CA LEU A 32 -0.64 17.26 -10.90
C LEU A 32 -2.12 17.53 -11.12
N SER A 33 -2.47 18.82 -11.21
CA SER A 33 -3.83 19.20 -11.53
C SER A 33 -4.31 18.44 -12.75
N GLU A 34 -3.47 18.41 -13.77
CA GLU A 34 -3.80 17.69 -15.00
C GLU A 34 -3.96 16.19 -14.78
N LEU A 35 -3.02 15.60 -14.04
CA LEU A 35 -3.11 14.19 -13.65
C LEU A 35 -4.45 13.83 -13.05
N ILE A 36 -4.92 14.60 -12.09
CA ILE A 36 -6.17 14.27 -11.44
C ILE A 36 -7.37 14.61 -12.32
N ASP A 37 -7.15 15.46 -13.32
CA ASP A 37 -8.12 15.64 -14.40
C ASP A 37 -8.22 14.33 -15.16
N LEU A 38 -7.06 13.74 -15.44
CA LEU A 38 -7.01 12.46 -16.11
C LEU A 38 -7.68 11.39 -15.26
N PHE A 39 -7.35 11.37 -13.97
CA PHE A 39 -7.91 10.38 -13.07
C PHE A 39 -9.42 10.46 -13.01
N ASN A 40 -9.95 11.69 -12.86
CA ASN A 40 -11.38 11.92 -12.89
C ASN A 40 -12.04 11.48 -14.21
N SER A 41 -11.43 11.86 -15.33
CA SER A 41 -11.92 11.48 -16.65
C SER A 41 -11.78 9.99 -16.92
N THR A 42 -11.52 9.21 -15.87
CA THR A 42 -11.15 7.81 -16.07
C THR A 42 -12.16 6.84 -15.50
N SER A 43 -12.71 6.00 -16.36
CA SER A 43 -13.73 5.07 -15.95
C SER A 43 -13.10 3.78 -15.46
N ILE A 44 -13.22 3.53 -14.17
CA ILE A 44 -12.70 2.30 -13.61
C ILE A 44 -13.88 1.45 -13.23
N ASN A 45 -14.11 0.39 -13.99
CA ASN A 45 -15.35 -0.36 -13.82
C ASN A 45 -15.34 -1.45 -12.75
N HIS A 46 -14.19 -2.03 -12.46
CA HIS A 46 -14.10 -3.09 -11.45
C HIS A 46 -13.91 -2.58 -10.02
N ASP A 47 -14.02 -3.50 -9.06
CA ASP A 47 -13.89 -3.14 -7.66
C ASP A 47 -12.42 -2.96 -7.27
N VAL A 48 -11.97 -1.72 -7.21
CA VAL A 48 -10.64 -1.43 -6.72
C VAL A 48 -10.68 -0.15 -5.93
N GLN A 49 -10.00 -0.13 -4.79
CA GLN A 49 -9.85 1.09 -4.02
C GLN A 49 -8.57 1.81 -4.46
N CYS A 50 -8.72 3.00 -5.02
CA CYS A 50 -7.59 3.82 -5.42
C CYS A 50 -7.27 4.83 -4.31
N VAL A 51 -5.99 4.99 -4.02
CA VAL A 51 -5.55 5.90 -3.00
C VAL A 51 -4.56 6.88 -3.61
N VAL A 52 -4.70 8.15 -3.26
CA VAL A 52 -3.70 9.14 -3.61
C VAL A 52 -3.15 9.80 -2.34
N ALA A 53 -1.82 9.80 -2.25
CA ALA A 53 -1.11 10.39 -1.12
C ALA A 53 -0.32 11.67 -1.48
N PRO A 54 -0.97 12.84 -1.40
CA PRO A 54 -0.27 14.09 -1.74
C PRO A 54 0.61 14.61 -0.59
N SER A 55 1.64 15.38 -0.92
CA SER A 55 2.44 16.11 0.07
C SER A 55 1.79 17.47 0.34
N TRP A 56 2.21 18.17 1.37
CA TRP A 56 1.76 19.55 1.54
C TRP A 56 2.48 20.39 0.51
N TYR A 57 3.72 19.99 0.24
CA TYR A 57 4.65 20.61 -0.70
C TYR A 57 3.97 21.05 -2.02
N MET A 58 4.26 22.28 -2.47
CA MET A 58 3.57 22.87 -3.62
C MET A 58 2.05 22.80 -3.50
N GLY A 59 1.36 22.81 -4.64
CA GLY A 59 -0.09 22.66 -4.61
C GLY A 59 -0.46 21.47 -3.74
N ALA A 60 -0.28 20.28 -4.31
CA ALA A 60 -0.31 19.05 -3.57
C ALA A 60 -1.66 18.73 -2.94
N GLN A 61 -1.68 18.54 -1.62
CA GLN A 61 -2.87 18.05 -0.95
C GLN A 61 -4.04 19.03 -1.04
N ALA A 62 -3.76 20.33 -0.96
CA ALA A 62 -4.80 21.34 -1.09
C ALA A 62 -5.48 21.20 -2.45
N MET A 63 -4.67 21.16 -3.50
CA MET A 63 -5.17 21.00 -4.86
C MET A 63 -5.99 19.73 -4.98
N THR A 64 -5.46 18.63 -4.44
CA THR A 64 -6.08 17.31 -4.56
C THR A 64 -7.42 17.22 -3.85
N LYS A 65 -7.47 17.73 -2.63
CA LYS A 65 -8.67 17.64 -1.83
C LYS A 65 -9.80 18.34 -2.58
N GLU A 66 -9.46 19.45 -3.21
CA GLU A 66 -10.41 20.24 -3.98
C GLU A 66 -10.79 19.55 -5.28
N ARG A 67 -9.79 19.26 -6.10
CA ARG A 67 -10.03 18.93 -7.51
C ARG A 67 -10.25 17.43 -7.81
N LEU A 68 -9.97 16.53 -6.86
CA LEU A 68 -10.18 15.11 -7.09
C LEU A 68 -11.54 14.71 -6.61
N SER A 69 -12.33 14.12 -7.49
CA SER A 69 -13.73 13.81 -7.18
C SER A 69 -14.13 12.36 -7.42
N HIS A 70 -13.30 11.63 -8.18
CA HIS A 70 -13.59 10.24 -8.53
C HIS A 70 -14.00 9.40 -7.32
N PRO A 71 -15.09 8.62 -7.46
CA PRO A 71 -15.71 7.87 -6.35
C PRO A 71 -14.84 6.72 -5.84
N LYS A 72 -13.93 6.23 -6.66
CA LYS A 72 -13.10 5.12 -6.21
C LYS A 72 -11.77 5.56 -5.66
N PHE A 73 -11.63 6.86 -5.45
CA PHE A 73 -10.40 7.42 -4.89
C PHE A 73 -10.63 7.96 -3.49
N VAL A 74 -9.77 7.57 -2.57
CA VAL A 74 -9.63 8.30 -1.31
C VAL A 74 -8.29 9.00 -1.27
N ILE A 75 -8.18 9.94 -0.35
CA ILE A 75 -6.93 10.64 -0.14
C ILE A 75 -6.33 10.14 1.16
N ALA A 76 -5.04 9.86 1.14
CA ALA A 76 -4.32 9.46 2.35
C ALA A 76 -3.29 10.51 2.75
N ALA A 77 -3.06 10.58 4.06
CA ALA A 77 -1.96 11.33 4.62
C ALA A 77 -0.67 10.53 4.48
N GLN A 78 0.45 11.22 4.27
CA GLN A 78 1.77 10.62 4.27
C GLN A 78 2.28 10.71 5.67
N ASN A 79 2.80 9.64 6.22
CA ASN A 79 3.21 9.68 7.62
C ASN A 79 2.09 10.30 8.47
N ALA A 80 2.28 10.35 9.78
CA ALA A 80 1.31 10.98 10.67
C ALA A 80 0.89 10.06 11.78
N GLY A 81 1.10 10.51 13.01
CA GLY A 81 1.82 11.75 13.25
C GLY A 81 1.95 11.93 14.75
N ASN A 82 1.51 13.09 15.22
CA ASN A 82 1.24 13.31 16.63
C ASN A 82 -0.22 12.91 16.84
N ALA A 83 -0.69 12.91 18.08
CA ALA A 83 -2.12 12.76 18.33
C ALA A 83 -2.88 13.99 17.79
N ASP A 84 -2.27 15.17 17.92
CA ASP A 84 -2.77 16.36 17.25
C ASP A 84 -2.85 16.14 15.73
N ALA A 85 -1.81 15.55 15.15
CA ALA A 85 -1.78 15.35 13.70
C ALA A 85 -2.96 14.50 13.23
N LEU A 86 -3.37 13.54 14.06
CA LEU A 86 -4.48 12.66 13.69
C LEU A 86 -5.78 13.40 13.87
N ALA A 87 -5.90 14.10 15.00
CA ALA A 87 -7.04 14.95 15.26
C ALA A 87 -7.26 15.96 14.12
N SER A 88 -6.16 16.55 13.65
CA SER A 88 -6.20 17.44 12.50
C SER A 88 -6.70 16.75 11.23
N LEU A 89 -6.13 15.57 10.93
CA LEU A 89 -6.54 14.77 9.77
C LEU A 89 -8.03 14.46 9.75
N LYS A 90 -8.56 13.99 10.88
CA LYS A 90 -9.99 13.76 11.02
C LYS A 90 -10.78 15.00 10.63
N ASP A 91 -10.40 16.15 11.19
CA ASP A 91 -11.05 17.42 10.89
C ASP A 91 -11.23 17.68 9.39
N PHE A 92 -10.23 17.30 8.61
CA PHE A 92 -10.26 17.53 7.17
C PHE A 92 -10.73 16.32 6.39
N GLY A 93 -11.31 15.35 7.11
CA GLY A 93 -11.96 14.22 6.47
C GLY A 93 -11.02 13.31 5.72
N ILE A 94 -9.77 13.26 6.19
CA ILE A 94 -8.79 12.33 5.67
C ILE A 94 -8.82 11.11 6.59
N SER A 95 -8.97 9.92 6.00
CA SER A 95 -9.19 8.71 6.80
C SER A 95 -8.23 7.55 6.49
N TRP A 96 -7.26 7.80 5.60
CA TRP A 96 -6.25 6.81 5.27
C TRP A 96 -4.86 7.36 5.55
N ILE A 97 -3.93 6.48 5.91
CA ILE A 97 -2.52 6.87 6.09
C ILE A 97 -1.52 5.85 5.55
N VAL A 98 -0.44 6.36 4.95
CA VAL A 98 0.67 5.50 4.54
C VAL A 98 1.82 5.57 5.53
N LEU A 99 2.18 4.43 6.13
CA LEU A 99 3.32 4.38 7.05
C LEU A 99 4.30 3.31 6.62
N GLY A 100 5.58 3.51 6.92
CA GLY A 100 6.57 2.53 6.56
C GLY A 100 8.01 2.97 6.74
N HIS A 101 8.73 3.06 5.62
CA HIS A 101 10.18 3.14 5.64
C HIS A 101 10.75 4.39 6.29
N SER A 102 10.31 5.56 5.86
CA SER A 102 10.51 6.74 6.66
C SER A 102 9.68 6.45 7.89
N GLU A 103 10.28 6.39 9.07
CA GLU A 103 9.62 5.87 10.30
C GLU A 103 10.42 4.70 10.81
N ARG A 104 10.66 3.76 9.92
CA ARG A 104 11.53 2.65 10.22
C ARG A 104 12.98 3.10 10.10
N ARG A 105 13.23 4.06 9.22
CA ARG A 105 14.58 4.34 8.78
C ARG A 105 15.05 5.79 8.95
N ALA A 106 14.12 6.71 9.18
CA ALA A 106 14.45 8.13 9.27
C ALA A 106 15.55 8.44 10.28
N TYR A 107 15.60 7.66 11.36
CA TYR A 107 16.42 7.96 12.53
C TYR A 107 17.68 7.09 12.61
N TYR A 108 18.23 6.81 11.44
CA TYR A 108 19.49 6.08 11.29
C TYR A 108 19.44 4.62 11.73
N GLY A 109 18.36 3.92 11.41
CA GLY A 109 18.40 2.47 11.49
C GLY A 109 17.28 1.77 12.20
N GLU A 110 16.48 1.07 11.42
CA GLU A 110 15.48 0.13 11.94
C GLU A 110 14.82 0.51 13.28
N THR A 111 13.85 1.41 13.20
CA THR A 111 13.00 1.73 14.33
C THR A 111 11.60 1.16 14.07
N ASN A 112 11.48 -0.15 14.05
CA ASN A 112 10.21 -0.83 13.81
C ASN A 112 9.18 -0.54 14.88
N GLU A 113 9.66 -0.26 16.09
CA GLU A 113 8.81 -0.02 17.24
C GLU A 113 7.98 1.25 17.00
N ILE A 114 8.60 2.20 16.30
CA ILE A 114 7.95 3.43 15.92
C ILE A 114 6.87 3.16 14.88
N VAL A 115 7.19 2.30 13.91
CA VAL A 115 6.21 1.93 12.90
C VAL A 115 4.98 1.33 13.58
N ALA A 116 5.22 0.35 14.45
CA ALA A 116 4.14 -0.32 15.17
C ALA A 116 3.26 0.67 15.94
N ASP A 117 3.90 1.53 16.71
CA ASP A 117 3.16 2.52 17.50
C ASP A 117 2.27 3.39 16.62
N LYS A 118 2.86 3.91 15.55
CA LYS A 118 2.15 4.77 14.60
C LYS A 118 0.96 4.05 13.94
N VAL A 119 1.17 2.83 13.43
CA VAL A 119 0.08 2.05 12.84
C VAL A 119 -1.09 1.88 13.81
N ALA A 120 -0.77 1.61 15.07
CA ALA A 120 -1.80 1.34 16.06
C ALA A 120 -2.50 2.61 16.54
N ALA A 121 -1.74 3.68 16.70
CA ALA A 121 -2.31 4.96 17.07
C ALA A 121 -3.32 5.39 16.02
N ALA A 122 -2.94 5.17 14.76
CA ALA A 122 -3.77 5.48 13.60
C ALA A 122 -5.04 4.61 13.53
N VAL A 123 -4.88 3.29 13.58
CA VAL A 123 -6.02 2.39 13.58
C VAL A 123 -6.95 2.75 14.72
N ALA A 124 -6.37 3.13 15.85
CA ALA A 124 -7.13 3.47 17.04
C ALA A 124 -7.97 4.73 16.87
N SER A 125 -7.57 5.62 15.98
CA SER A 125 -8.37 6.81 15.67
C SER A 125 -9.27 6.57 14.46
N GLY A 126 -9.32 5.32 14.00
CA GLY A 126 -10.26 4.94 12.96
C GLY A 126 -9.73 5.01 11.54
N PHE A 127 -8.43 5.15 11.40
CA PHE A 127 -7.84 5.29 10.06
C PHE A 127 -7.64 3.93 9.38
N MET A 128 -7.71 3.94 8.05
CA MET A 128 -7.17 2.84 7.26
C MET A 128 -5.69 3.13 7.11
N VAL A 129 -4.85 2.14 7.45
CA VAL A 129 -3.40 2.32 7.37
C VAL A 129 -2.75 1.41 6.32
N ILE A 130 -2.02 2.00 5.39
CA ILE A 130 -1.17 1.20 4.52
C ILE A 130 0.25 1.09 5.12
N ALA A 131 0.58 -0.07 5.68
CA ALA A 131 1.86 -0.28 6.37
C ALA A 131 2.89 -0.96 5.47
N CYS A 132 4.03 -0.32 5.29
CA CYS A 132 5.04 -0.87 4.40
C CYS A 132 6.13 -1.58 5.15
N ILE A 133 6.54 -2.71 4.58
CA ILE A 133 7.62 -3.48 5.12
C ILE A 133 8.51 -3.86 3.94
N GLY A 134 9.82 -3.97 4.19
CA GLY A 134 10.74 -4.43 3.15
C GLY A 134 12.18 -4.49 3.62
N GLU A 135 12.94 -5.42 3.04
CA GLU A 135 14.40 -5.53 3.28
C GLU A 135 15.17 -4.47 2.53
N THR A 136 16.41 -4.25 2.96
CA THR A 136 17.35 -3.50 2.17
C THR A 136 18.07 -4.45 1.20
N LEU A 137 18.76 -3.89 0.22
CA LEU A 137 19.48 -4.70 -0.74
C LEU A 137 20.52 -5.60 -0.05
N GLN A 138 21.13 -5.09 1.01
CA GLN A 138 22.14 -5.86 1.73
C GLN A 138 21.50 -7.10 2.34
N GLU A 139 20.33 -6.91 2.95
CA GLU A 139 19.64 -7.98 3.62
C GLU A 139 19.14 -9.01 2.62
N ARG A 140 18.83 -8.54 1.43
CA ARG A 140 18.40 -9.40 0.33
C ARG A 140 19.54 -10.29 -0.18
N SER A 141 20.65 -9.66 -0.51
CA SER A 141 21.83 -10.36 -1.00
C SER A 141 22.29 -11.45 -0.04
N SER A 142 22.20 -11.17 1.25
CA SER A 142 22.68 -12.10 2.26
C SER A 142 21.61 -13.08 2.73
N GLY A 143 20.49 -13.15 2.02
CA GLY A 143 19.43 -14.06 2.37
C GLY A 143 18.84 -13.82 3.74
N ARG A 144 18.70 -12.56 4.12
CA ARG A 144 18.10 -12.24 5.41
C ARG A 144 16.63 -11.78 5.27
N THR A 145 16.12 -11.83 4.06
CA THR A 145 14.80 -11.27 3.76
C THR A 145 13.71 -11.83 4.63
N ALA A 146 13.61 -13.16 4.69
CA ALA A 146 12.52 -13.80 5.42
C ALA A 146 12.51 -13.36 6.88
N VAL A 147 13.68 -13.34 7.49
CA VAL A 147 13.86 -12.92 8.88
C VAL A 147 13.54 -11.44 9.10
N VAL A 148 14.02 -10.59 8.21
CA VAL A 148 13.74 -9.17 8.30
C VAL A 148 12.26 -8.84 8.14
N VAL A 149 11.67 -9.40 7.07
CA VAL A 149 10.28 -9.18 6.72
C VAL A 149 9.35 -9.59 7.86
N LEU A 150 9.62 -10.75 8.43
CA LEU A 150 8.81 -11.26 9.53
C LEU A 150 9.01 -10.44 10.79
N THR A 151 10.22 -9.93 10.96
CA THR A 151 10.55 -9.12 12.11
C THR A 151 9.70 -7.86 12.06
N GLN A 152 9.61 -7.28 10.87
CA GLN A 152 8.87 -6.04 10.67
C GLN A 152 7.37 -6.16 10.92
N ILE A 153 6.75 -7.17 10.32
CA ILE A 153 5.32 -7.35 10.53
C ILE A 153 4.99 -7.88 11.92
N THR A 154 5.89 -8.66 12.51
CA THR A 154 5.69 -9.08 13.90
C THR A 154 5.58 -7.85 14.79
N ALA A 155 6.36 -6.81 14.48
CA ALA A 155 6.35 -5.59 15.27
C ALA A 155 5.01 -4.89 15.15
N ILE A 156 4.63 -4.59 13.91
CA ILE A 156 3.33 -4.00 13.66
C ILE A 156 2.20 -4.78 14.37
N ALA A 157 2.27 -6.10 14.32
CA ALA A 157 1.20 -6.95 14.83
C ALA A 157 1.08 -6.91 16.36
N LYS A 158 2.22 -6.76 17.02
CA LYS A 158 2.30 -6.80 18.48
C LYS A 158 1.36 -5.79 19.10
N LYS A 159 1.22 -4.63 18.45
CA LYS A 159 0.40 -3.56 19.00
C LYS A 159 -1.07 -3.62 18.58
N LEU A 160 -1.47 -4.70 17.88
CA LEU A 160 -2.82 -4.78 17.34
C LEU A 160 -3.63 -5.94 17.89
N LYS A 161 -4.93 -5.72 18.01
N LYS A 161 -4.94 -5.75 18.02
CA LYS A 161 -5.89 -6.77 18.37
CA LYS A 161 -5.82 -6.85 18.40
C LYS A 161 -6.36 -7.42 17.07
C LYS A 161 -6.45 -7.38 17.12
N LYS A 162 -6.92 -8.61 17.17
CA LYS A 162 -7.39 -9.30 15.97
C LYS A 162 -8.26 -8.42 15.07
N ALA A 163 -9.12 -7.62 15.68
CA ALA A 163 -10.11 -6.83 14.92
C ALA A 163 -9.55 -5.58 14.23
N ASP A 164 -8.33 -5.21 14.58
CA ASP A 164 -7.72 -4.02 14.01
C ASP A 164 -7.34 -4.24 12.56
N TRP A 165 -7.14 -5.51 12.18
CA TRP A 165 -6.64 -5.89 10.86
C TRP A 165 -7.62 -5.54 9.75
N ALA A 166 -8.87 -5.36 10.16
CA ALA A 166 -9.90 -4.87 9.25
C ALA A 166 -9.47 -3.56 8.61
N LYS A 167 -8.66 -2.79 9.34
CA LYS A 167 -8.25 -1.46 8.90
C LYS A 167 -6.80 -1.41 8.43
N VAL A 168 -6.14 -2.56 8.39
CA VAL A 168 -4.73 -2.63 8.01
C VAL A 168 -4.53 -3.15 6.59
N VAL A 169 -3.73 -2.41 5.81
CA VAL A 169 -3.25 -2.93 4.54
C VAL A 169 -1.74 -3.11 4.67
N ILE A 170 -1.21 -4.16 4.07
CA ILE A 170 0.23 -4.33 4.08
C ILE A 170 0.79 -4.00 2.70
N ALA A 171 1.83 -3.19 2.68
CA ALA A 171 2.58 -2.98 1.45
C ALA A 171 3.94 -3.65 1.62
N TYR A 172 4.20 -4.65 0.81
CA TYR A 172 5.54 -5.19 0.76
C TYR A 172 6.30 -4.37 -0.27
N GLU A 173 7.20 -3.51 0.20
CA GLU A 173 8.05 -2.78 -0.72
C GLU A 173 9.51 -2.82 -0.32
N PRO A 174 10.25 -3.73 -0.96
CA PRO A 174 11.68 -3.90 -0.70
C PRO A 174 12.39 -2.59 -1.02
N VAL A 175 13.26 -2.14 -0.11
CA VAL A 175 13.93 -0.85 -0.24
C VAL A 175 14.80 -0.78 -1.51
N TRP A 176 15.27 -1.94 -1.98
CA TRP A 176 16.07 -1.96 -3.19
C TRP A 176 15.24 -1.79 -4.47
N ALA A 177 13.95 -1.57 -4.34
CA ALA A 177 13.10 -1.46 -5.50
C ALA A 177 12.54 -0.06 -5.61
N ILE A 178 12.76 0.72 -4.56
CA ILE A 178 12.22 2.06 -4.45
C ILE A 178 13.06 3.09 -5.20
N GLY A 179 12.51 3.62 -6.27
CA GLY A 179 13.19 4.63 -7.07
C GLY A 179 14.43 4.14 -7.81
N THR A 180 14.61 2.83 -7.91
CA THR A 180 15.84 2.27 -8.44
C THR A 180 15.67 1.62 -9.79
N GLY A 181 14.44 1.48 -10.25
CA GLY A 181 14.20 0.78 -11.50
C GLY A 181 14.35 -0.72 -11.37
N LYS A 182 14.84 -1.18 -10.23
CA LYS A 182 14.92 -2.62 -9.99
C LYS A 182 13.67 -3.12 -9.25
N VAL A 183 12.66 -3.49 -10.03
CA VAL A 183 11.44 -4.06 -9.49
C VAL A 183 11.63 -5.55 -9.19
N ALA A 184 10.88 -6.05 -8.22
CA ALA A 184 10.89 -7.46 -7.90
C ALA A 184 10.30 -8.23 -9.06
N THR A 185 10.84 -9.43 -9.32
CA THR A 185 10.21 -10.32 -10.28
C THR A 185 8.89 -10.76 -9.73
N PRO A 186 7.97 -11.21 -10.60
CA PRO A 186 6.69 -11.67 -10.07
C PRO A 186 6.93 -12.79 -9.06
N GLN A 187 7.97 -13.58 -9.29
CA GLN A 187 8.28 -14.69 -8.41
C GLN A 187 8.78 -14.24 -7.04
N GLN A 188 9.58 -13.17 -7.02
CA GLN A 188 10.05 -12.62 -5.75
C GLN A 188 8.87 -12.10 -4.96
N ALA A 189 8.08 -11.24 -5.62
CA ALA A 189 6.91 -10.62 -5.00
C ALA A 189 5.98 -11.66 -4.38
N GLN A 190 5.59 -12.62 -5.21
CA GLN A 190 4.74 -13.73 -4.77
C GLN A 190 5.31 -14.40 -3.51
N GLU A 191 6.58 -14.78 -3.57
CA GLU A 191 7.30 -15.37 -2.43
C GLU A 191 7.17 -14.58 -1.11
N ALA A 192 7.56 -13.31 -1.16
CA ALA A 192 7.54 -12.47 0.01
C ALA A 192 6.10 -12.29 0.52
N HIS A 193 5.19 -11.99 -0.40
CA HIS A 193 3.78 -11.81 -0.06
C HIS A 193 3.22 -13.06 0.57
N ALA A 194 3.55 -14.21 -0.03
CA ALA A 194 3.13 -15.49 0.51
C ALA A 194 3.66 -15.66 1.93
N LEU A 195 4.96 -15.46 2.11
CA LEU A 195 5.55 -15.47 3.45
C LEU A 195 4.73 -14.65 4.44
N ILE A 196 4.53 -13.38 4.10
CA ILE A 196 3.78 -12.47 4.95
C ILE A 196 2.41 -13.03 5.30
N ARG A 197 1.71 -13.55 4.30
CA ARG A 197 0.35 -14.02 4.54
C ARG A 197 0.35 -15.25 5.45
N SER A 198 1.34 -16.13 5.25
CA SER A 198 1.45 -17.32 6.06
C SER A 198 1.69 -16.90 7.48
N TRP A 199 2.46 -15.84 7.66
CA TRP A 199 2.69 -15.35 8.99
C TRP A 199 1.39 -14.87 9.62
N VAL A 200 0.65 -14.02 8.90
CA VAL A 200 -0.63 -13.50 9.39
C VAL A 200 -1.64 -14.62 9.64
N SER A 201 -1.76 -15.54 8.69
CA SER A 201 -2.60 -16.73 8.86
C SER A 201 -2.33 -17.47 10.18
N SER A 202 -1.06 -17.77 10.44
CA SER A 202 -0.67 -18.48 11.65
C SER A 202 -0.83 -17.67 12.94
N LYS A 203 -0.35 -16.42 12.92
CA LYS A 203 -0.23 -15.67 14.16
C LYS A 203 -1.48 -14.85 14.47
N VAL A 204 -2.25 -14.50 13.45
CA VAL A 204 -3.44 -13.67 13.68
C VAL A 204 -4.72 -14.43 13.44
N GLY A 205 -4.78 -15.13 12.32
CA GLY A 205 -5.96 -15.88 11.93
C GLY A 205 -6.01 -16.10 10.43
N ALA A 206 -6.47 -17.27 10.02
CA ALA A 206 -6.63 -17.56 8.60
C ALA A 206 -7.75 -16.71 8.03
N ASP A 207 -8.79 -16.53 8.84
CA ASP A 207 -9.88 -15.60 8.54
C ASP A 207 -9.31 -14.23 8.13
N VAL A 208 -8.57 -13.60 9.03
CA VAL A 208 -7.93 -12.31 8.77
C VAL A 208 -6.99 -12.33 7.58
N ALA A 209 -6.27 -13.43 7.42
CA ALA A 209 -5.19 -13.50 6.45
C ALA A 209 -5.68 -13.49 5.01
N GLY A 210 -6.86 -14.06 4.77
CA GLY A 210 -7.40 -14.12 3.42
C GLY A 210 -8.07 -12.82 3.00
N GLU A 211 -8.51 -12.05 4.00
CA GLU A 211 -9.14 -10.77 3.80
C GLU A 211 -8.09 -9.67 3.68
N LEU A 212 -6.91 -9.93 4.22
CA LEU A 212 -5.80 -8.97 4.17
C LEU A 212 -5.29 -8.67 2.76
N ARG A 213 -5.11 -7.40 2.45
CA ARG A 213 -4.49 -7.02 1.21
C ARG A 213 -3.02 -6.74 1.42
N ILE A 214 -2.20 -7.37 0.58
CA ILE A 214 -0.79 -7.11 0.59
C ILE A 214 -0.46 -6.53 -0.78
N LEU A 215 -0.04 -5.27 -0.79
CA LEU A 215 0.30 -4.62 -2.03
C LEU A 215 1.78 -4.80 -2.31
N TYR A 216 2.18 -4.80 -3.58
CA TYR A 216 3.58 -4.75 -3.89
C TYR A 216 3.98 -3.33 -4.25
N GLY A 217 5.12 -2.90 -3.75
CA GLY A 217 5.64 -1.60 -4.10
C GLY A 217 7.12 -1.66 -4.42
N GLY A 218 7.54 -0.84 -5.37
CA GLY A 218 8.94 -0.73 -5.74
C GLY A 218 9.13 -0.87 -7.23
N SER A 219 9.12 0.26 -7.93
CA SER A 219 9.41 0.30 -9.36
C SER A 219 8.32 -0.32 -10.21
N VAL A 220 7.10 -0.22 -9.71
CA VAL A 220 5.92 -0.65 -10.45
C VAL A 220 5.65 0.39 -11.54
N ASN A 221 5.36 -0.09 -12.74
CA ASN A 221 4.97 0.82 -13.81
C ASN A 221 3.97 0.14 -14.72
N GLY A 222 3.58 0.83 -15.78
CA GLY A 222 2.62 0.31 -16.74
C GLY A 222 3.00 -1.06 -17.29
N LYS A 223 4.29 -1.25 -17.60
CA LYS A 223 4.74 -2.53 -18.17
C LYS A 223 4.55 -3.72 -17.22
N ASN A 224 5.00 -3.59 -15.98
CA ASN A 224 5.17 -4.75 -15.11
C ASN A 224 4.00 -5.07 -14.20
N ALA A 225 3.04 -4.17 -14.13
CA ALA A 225 1.94 -4.31 -13.19
C ALA A 225 1.09 -5.56 -13.40
N ARG A 226 0.74 -5.87 -14.63
CA ARG A 226 -0.18 -6.97 -14.87
C ARG A 226 0.42 -8.29 -14.38
N THR A 227 1.58 -8.63 -14.90
CA THR A 227 2.25 -9.85 -14.54
C THR A 227 2.39 -9.97 -13.02
N LEU A 228 2.67 -8.83 -12.40
CA LEU A 228 2.77 -8.79 -10.95
C LEU A 228 1.43 -9.10 -10.32
N TYR A 229 0.38 -8.41 -10.76
CA TYR A 229 -0.94 -8.61 -10.17
C TYR A 229 -1.46 -10.04 -10.35
N GLN A 230 -1.01 -10.70 -11.43
CA GLN A 230 -1.40 -12.08 -11.73
C GLN A 230 -1.11 -13.03 -10.57
N GLN A 231 -0.09 -12.70 -9.80
CA GLN A 231 0.36 -13.52 -8.68
C GLN A 231 -0.71 -13.72 -7.62
N ARG A 232 -0.82 -14.96 -7.14
CA ARG A 232 -1.84 -15.35 -6.18
C ARG A 232 -1.96 -14.42 -4.96
N ASP A 233 -0.85 -13.85 -4.50
CA ASP A 233 -0.86 -13.17 -3.20
C ASP A 233 -0.65 -11.67 -3.27
N VAL A 234 -0.67 -11.16 -4.49
CA VAL A 234 -0.56 -9.74 -4.72
C VAL A 234 -1.94 -9.11 -4.85
N ASN A 235 -2.19 -8.08 -4.04
CA ASN A 235 -3.51 -7.46 -4.04
C ASN A 235 -3.49 -6.02 -4.53
N GLY A 236 -2.42 -5.64 -5.20
CA GLY A 236 -2.32 -4.31 -5.77
C GLY A 236 -0.95 -3.73 -5.56
N PHE A 237 -0.88 -2.40 -5.60
CA PHE A 237 0.39 -1.71 -5.77
C PHE A 237 0.49 -0.43 -4.96
N LEU A 238 1.66 -0.24 -4.35
CA LEU A 238 2.04 1.08 -3.89
C LEU A 238 3.00 1.67 -4.91
N VAL A 239 2.61 2.79 -5.51
CA VAL A 239 3.36 3.33 -6.63
C VAL A 239 3.83 4.74 -6.41
N GLY A 240 5.13 4.96 -6.57
CA GLY A 240 5.71 6.27 -6.44
C GLY A 240 5.85 6.98 -7.76
N GLY A 241 6.94 6.70 -8.47
CA GLY A 241 7.29 7.42 -9.67
C GLY A 241 6.24 7.38 -10.77
N ALA A 242 5.74 6.20 -11.06
CA ALA A 242 4.83 6.04 -12.17
C ALA A 242 3.44 6.54 -11.79
N SER A 243 3.21 6.80 -10.51
CA SER A 243 1.92 7.30 -10.06
C SER A 243 1.75 8.74 -10.48
N LEU A 244 2.87 9.38 -10.81
CA LEU A 244 2.86 10.76 -11.25
C LEU A 244 2.79 10.88 -12.77
N LYS A 245 2.31 9.82 -13.43
CA LYS A 245 2.24 9.80 -14.88
C LYS A 245 0.91 9.21 -15.34
N PRO A 246 0.52 9.51 -16.58
CA PRO A 246 -0.74 8.95 -17.09
C PRO A 246 -0.77 7.43 -17.00
N GLU A 247 0.39 6.78 -16.95
CA GLU A 247 0.42 5.32 -16.85
C GLU A 247 -0.12 4.78 -15.54
N PHE A 248 -0.28 5.64 -14.54
CA PHE A 248 -0.92 5.16 -13.33
C PHE A 248 -2.27 4.51 -13.65
N VAL A 249 -3.00 5.11 -14.59
CA VAL A 249 -4.27 4.54 -15.05
C VAL A 249 -4.10 3.08 -15.47
N ASP A 250 -3.01 2.78 -16.15
CA ASP A 250 -2.70 1.42 -16.57
C ASP A 250 -2.35 0.50 -15.41
N ILE A 251 -1.69 1.07 -14.41
CA ILE A 251 -1.41 0.32 -13.18
C ILE A 251 -2.75 -0.03 -12.54
N ILE A 252 -3.69 0.90 -12.54
CA ILE A 252 -5.03 0.64 -12.02
C ILE A 252 -5.74 -0.46 -12.82
N LYS A 253 -5.75 -0.33 -14.13
CA LYS A 253 -6.37 -1.35 -14.98
C LYS A 253 -5.77 -2.74 -14.74
N ALA A 254 -4.46 -2.80 -14.47
CA ALA A 254 -3.78 -4.08 -14.22
C ALA A 254 -4.35 -4.79 -13.01
N THR A 255 -4.99 -4.01 -12.15
CA THR A 255 -5.50 -4.52 -10.90
C THR A 255 -6.87 -5.19 -11.07
N GLN A 256 -7.24 -5.48 -12.31
CA GLN A 256 -8.50 -6.17 -12.56
C GLN A 256 -8.29 -7.63 -12.89
#